data_8IN4
#
_entry.id   8IN4
#
_cell.length_a   40.576
_cell.length_b   65.553
_cell.length_c   67.476
_cell.angle_alpha   90.000
_cell.angle_beta   90.000
_cell.angle_gamma   90.000
#
_symmetry.space_group_name_H-M   'P 21 21 21'
#
loop_
_entity.id
_entity.type
_entity.pdbx_description
1 polymer '25 kDa polyphenol-binding protein'
2 non-polymer GLYCEROL
3 non-polymer 'ACETYL GROUP'
4 water water
#
_entity_poly.entity_id   1
_entity_poly.type   'polypeptide(L)'
_entity_poly.pdbx_seq_one_letter_code
;MVTKVLLVSLALFALGTCQVAVNLCTQYGWPNGNYPDPYDCRKYISCNGAVATVMSCALGTVFNPNTRNCDAYGNVPICQ
YALPSPIVVTNICNQYGWGNGNFYHPYNCAEYIGCANGLTTVNACGAGQYYDQALGRCALAGTGYCRQYVFTPPPAPVVY
PDGFDTYCSANNLATGIHPDPYSCFSYVECTFGRTTHMPCPAGLSFDRSLLVCDGNRYQNCGGNVLVGK
;
_entity_poly.pdbx_strand_id   A
#
# COMPACT_ATOMS: atom_id res chain seq x y z
N ALA A 21 20.37 9.35 0.93
CA ALA A 21 20.46 10.71 1.43
C ALA A 21 19.85 10.81 2.82
N VAL A 22 20.62 11.36 3.76
CA VAL A 22 20.19 11.44 5.14
C VAL A 22 18.97 12.34 5.30
N ASN A 23 18.72 13.21 4.32
N ASN A 23 18.72 13.22 4.33
CA ASN A 23 17.67 14.22 4.41
CA ASN A 23 17.66 14.23 4.43
C ASN A 23 16.41 13.85 3.64
C ASN A 23 16.40 13.84 3.65
N LEU A 24 16.27 12.57 3.26
CA LEU A 24 15.12 12.16 2.46
C LEU A 24 13.80 12.32 3.21
N CYS A 25 13.77 12.02 4.51
CA CYS A 25 12.52 12.12 5.26
C CYS A 25 11.97 13.53 5.25
N THR A 26 12.82 14.51 5.54
CA THR A 26 12.33 15.89 5.53
C THR A 26 12.12 16.37 4.10
N GLN A 27 12.89 15.86 3.14
CA GLN A 27 12.69 16.30 1.76
C GLN A 27 11.25 16.06 1.31
N TYR A 28 10.69 14.91 1.63
CA TYR A 28 9.35 14.55 1.23
C TYR A 28 8.29 15.04 2.21
N GLY A 29 8.70 15.66 3.32
CA GLY A 29 7.72 15.97 4.34
C GLY A 29 7.11 14.73 4.94
N TRP A 30 7.94 13.73 5.23
CA TRP A 30 7.49 12.46 5.77
C TRP A 30 7.49 12.47 7.31
N PRO A 31 6.52 11.82 7.93
CA PRO A 31 6.61 11.51 9.37
C PRO A 31 7.71 10.49 9.62
N ASN A 32 8.12 10.40 10.88
CA ASN A 32 8.99 9.29 11.24
C ASN A 32 8.25 7.97 10.99
N GLY A 33 9.01 6.95 10.63
CA GLY A 33 8.45 5.66 10.30
C GLY A 33 9.32 4.99 9.24
N ASN A 34 8.80 3.90 8.68
CA ASN A 34 9.55 3.12 7.71
C ASN A 34 9.00 3.30 6.30
N TYR A 35 9.89 3.31 5.32
CA TYR A 35 9.58 3.57 3.92
C TYR A 35 10.37 2.61 3.05
N PRO A 36 9.89 2.30 1.85
CA PRO A 36 10.62 1.34 1.00
C PRO A 36 11.94 1.89 0.49
N ASP A 37 12.92 0.98 0.38
CA ASP A 37 14.10 1.25 -0.42
C ASP A 37 13.80 0.88 -1.87
N PRO A 38 14.01 1.79 -2.81
CA PRO A 38 13.49 1.58 -4.18
C PRO A 38 14.27 0.57 -4.98
N TYR A 39 15.46 0.17 -4.54
CA TYR A 39 16.28 -0.74 -5.32
C TYR A 39 16.41 -2.12 -4.69
N ASP A 40 16.11 -2.27 -3.41
CA ASP A 40 16.38 -3.54 -2.73
C ASP A 40 15.33 -3.77 -1.68
N CYS A 41 14.47 -4.75 -1.90
CA CYS A 41 13.39 -5.01 -0.95
C CYS A 41 13.87 -5.79 0.25
N ARG A 42 15.15 -6.18 0.30
CA ARG A 42 15.72 -6.68 1.54
C ARG A 42 16.06 -5.56 2.48
N LYS A 43 16.00 -4.32 2.02
CA LYS A 43 16.33 -3.14 2.80
C LYS A 43 15.12 -2.23 2.91
N TYR A 44 15.24 -1.20 3.74
CA TYR A 44 14.22 -0.18 3.85
C TYR A 44 14.85 1.11 4.36
N ILE A 45 14.09 2.18 4.27
CA ILE A 45 14.50 3.48 4.78
C ILE A 45 13.80 3.70 6.11
N SER A 46 14.58 3.85 7.17
CA SER A 46 14.07 4.18 8.49
C SER A 46 14.18 5.68 8.71
N CYS A 47 13.06 6.34 8.95
CA CYS A 47 13.02 7.74 9.35
C CYS A 47 12.79 7.79 10.85
N ASN A 48 13.82 8.22 11.59
CA ASN A 48 13.74 8.28 13.04
C ASN A 48 14.47 9.54 13.43
N GLY A 49 13.83 10.37 14.25
CA GLY A 49 14.40 11.66 14.57
C GLY A 49 14.55 12.54 13.34
N ALA A 50 13.72 12.33 12.32
CA ALA A 50 13.73 13.11 11.09
C ALA A 50 15.01 12.90 10.28
N VAL A 51 15.71 11.80 10.54
CA VAL A 51 16.95 11.42 9.85
C VAL A 51 16.69 10.09 9.14
N ALA A 52 17.08 10.01 7.87
CA ALA A 52 16.91 8.79 7.08
C ALA A 52 18.15 7.89 7.16
N THR A 53 17.93 6.60 7.38
CA THR A 53 18.99 5.60 7.36
C THR A 53 18.49 4.39 6.59
N VAL A 54 19.25 3.92 5.62
CA VAL A 54 18.92 2.68 4.93
C VAL A 54 19.36 1.52 5.81
N MET A 55 18.43 0.60 6.10
CA MET A 55 18.68 -0.50 7.00
C MET A 55 18.39 -1.81 6.30
N SER A 56 19.02 -2.88 6.79
CA SER A 56 18.83 -4.22 6.26
C SER A 56 17.81 -4.95 7.13
N CYS A 57 16.82 -5.57 6.50
CA CYS A 57 15.95 -6.45 7.26
C CYS A 57 16.76 -7.63 7.80
N ALA A 58 16.32 -8.13 8.95
CA ALA A 58 16.96 -9.28 9.56
C ALA A 58 16.84 -10.51 8.65
N LEU A 59 17.76 -11.45 8.85
CA LEU A 59 17.85 -12.65 8.04
C LEU A 59 16.49 -13.31 7.85
N GLY A 60 16.15 -13.62 6.60
CA GLY A 60 14.91 -14.30 6.29
C GLY A 60 13.72 -13.39 6.18
N THR A 61 13.90 -12.08 6.31
CA THR A 61 12.79 -11.15 6.22
C THR A 61 13.11 -10.10 5.16
N VAL A 62 12.05 -9.50 4.63
CA VAL A 62 12.15 -8.47 3.60
C VAL A 62 11.11 -7.40 3.90
N PHE A 63 11.25 -6.25 3.27
CA PHE A 63 10.35 -5.15 3.56
C PHE A 63 8.99 -5.39 2.92
N ASN A 64 7.95 -5.42 3.75
CA ASN A 64 6.59 -5.59 3.28
C ASN A 64 5.99 -4.20 3.11
N PRO A 65 5.74 -3.74 1.88
CA PRO A 65 5.26 -2.36 1.69
C PRO A 65 3.93 -2.09 2.37
N ASN A 66 3.14 -3.13 2.63
CA ASN A 66 1.81 -2.94 3.16
C ASN A 66 1.76 -3.00 4.68
N THR A 67 2.77 -3.53 5.35
CA THR A 67 2.83 -3.42 6.79
C THR A 67 3.84 -2.38 7.25
N ARG A 68 4.63 -1.83 6.33
CA ARG A 68 5.70 -0.87 6.65
C ARG A 68 6.74 -1.46 7.60
N ASN A 69 6.96 -2.77 7.52
CA ASN A 69 7.91 -3.42 8.39
C ASN A 69 8.50 -4.62 7.65
N CYS A 70 9.66 -5.05 8.13
CA CYS A 70 10.18 -6.33 7.66
C CYS A 70 9.22 -7.44 8.02
N ASP A 71 9.13 -8.44 7.15
CA ASP A 71 8.16 -9.51 7.28
C ASP A 71 8.83 -10.75 6.72
N ALA A 72 8.32 -11.92 7.11
CA ALA A 72 8.79 -13.16 6.54
C ALA A 72 8.88 -13.07 5.01
N TYR A 73 10.01 -13.54 4.47
CA TYR A 73 10.22 -13.57 3.02
C TYR A 73 9.02 -14.15 2.29
N GLY A 74 8.45 -15.25 2.79
CA GLY A 74 7.36 -15.87 2.07
C GLY A 74 6.07 -15.08 2.06
N ASN A 75 5.97 -14.02 2.86
CA ASN A 75 4.78 -13.20 2.92
C ASN A 75 4.79 -12.04 1.93
N VAL A 76 5.84 -11.88 1.14
CA VAL A 76 5.95 -10.73 0.23
C VAL A 76 6.25 -11.22 -1.18
N PRO A 77 5.22 -11.50 -1.98
CA PRO A 77 5.46 -12.17 -3.26
C PRO A 77 6.20 -11.34 -4.28
N ILE A 78 6.27 -10.01 -4.12
CA ILE A 78 6.94 -9.15 -5.09
C ILE A 78 8.39 -8.88 -4.71
N CYS A 79 8.89 -9.58 -3.69
CA CYS A 79 10.30 -9.54 -3.33
C CYS A 79 10.84 -10.96 -3.46
N GLN A 80 11.75 -11.17 -4.40
CA GLN A 80 12.14 -12.52 -4.80
C GLN A 80 13.65 -12.63 -4.77
N TYR A 81 14.16 -13.62 -4.06
CA TYR A 81 15.60 -13.83 -3.94
C TYR A 81 16.17 -14.39 -5.24
N ALA A 82 17.50 -14.35 -5.35
CA ALA A 82 18.24 -15.00 -6.45
C ALA A 82 17.94 -14.37 -7.81
N LEU A 83 17.59 -13.09 -7.82
CA LEU A 83 17.43 -12.38 -9.07
C LEU A 83 18.23 -11.09 -8.99
N PRO A 84 18.74 -10.61 -10.12
CA PRO A 84 19.47 -9.33 -10.12
C PRO A 84 18.67 -8.19 -9.49
N SER A 85 17.38 -8.12 -9.78
CA SER A 85 16.51 -7.15 -9.12
C SER A 85 15.52 -7.93 -8.25
N PRO A 86 15.65 -7.92 -6.93
CA PRO A 86 14.69 -8.65 -6.09
C PRO A 86 13.30 -8.06 -6.07
N ILE A 87 13.15 -6.77 -6.38
CA ILE A 87 11.83 -6.17 -6.50
C ILE A 87 11.25 -6.58 -7.84
N VAL A 88 10.16 -7.34 -7.82
CA VAL A 88 9.55 -7.87 -9.04
C VAL A 88 8.11 -7.38 -9.07
N VAL A 89 7.89 -6.23 -9.72
CA VAL A 89 6.56 -5.68 -9.91
C VAL A 89 6.10 -5.77 -11.36
N THR A 90 6.87 -6.43 -12.22
CA THR A 90 6.62 -6.46 -13.65
C THR A 90 5.44 -7.34 -14.04
N ASN A 91 4.85 -8.09 -13.10
CA ASN A 91 3.61 -8.80 -13.36
C ASN A 91 2.60 -8.55 -12.25
N ILE A 92 2.70 -7.39 -11.59
CA ILE A 92 1.94 -7.18 -10.36
C ILE A 92 0.43 -7.13 -10.61
N CYS A 93 -0.01 -6.59 -11.75
CA CYS A 93 -1.44 -6.47 -12.00
C CYS A 93 -2.10 -7.85 -12.02
N ASN A 94 -1.48 -8.80 -12.72
CA ASN A 94 -2.02 -10.15 -12.75
C ASN A 94 -1.80 -10.86 -11.43
N GLN A 95 -0.62 -10.68 -10.83
CA GLN A 95 -0.25 -11.40 -9.63
C GLN A 95 -1.14 -11.05 -8.44
N TYR A 96 -1.49 -9.79 -8.29
CA TYR A 96 -2.33 -9.38 -7.17
C TYR A 96 -3.78 -9.12 -7.58
N GLY A 97 -4.07 -9.12 -8.87
CA GLY A 97 -5.43 -8.88 -9.31
C GLY A 97 -5.84 -7.43 -9.27
N TRP A 98 -4.92 -6.51 -9.59
CA TRP A 98 -5.25 -5.09 -9.64
C TRP A 98 -6.12 -4.80 -10.86
N GLY A 99 -7.15 -3.97 -10.67
CA GLY A 99 -8.00 -3.55 -11.76
C GLY A 99 -7.34 -2.52 -12.63
N ASN A 100 -8.09 -2.00 -13.59
CA ASN A 100 -7.53 -1.08 -14.58
C ASN A 100 -7.27 0.29 -13.97
N GLY A 101 -6.15 0.89 -14.35
CA GLY A 101 -5.82 2.23 -13.92
C GLY A 101 -4.34 2.36 -13.62
N ASN A 102 -3.99 3.51 -13.07
CA ASN A 102 -2.62 3.79 -12.67
C ASN A 102 -2.54 3.67 -11.15
N PHE A 103 -1.46 3.04 -10.68
CA PHE A 103 -1.24 2.79 -9.26
C PHE A 103 0.20 3.16 -8.91
N TYR A 104 0.42 3.48 -7.64
CA TYR A 104 1.79 3.72 -7.18
C TYR A 104 2.63 2.46 -7.34
N HIS A 105 3.94 2.65 -7.48
CA HIS A 105 4.91 1.55 -7.40
C HIS A 105 5.18 1.26 -5.92
N PRO A 106 4.97 0.03 -5.44
CA PRO A 106 5.09 -0.23 -3.99
C PRO A 106 6.43 0.14 -3.39
N TYR A 107 7.50 0.21 -4.19
CA TYR A 107 8.82 0.50 -3.65
C TYR A 107 9.44 1.81 -4.10
N ASN A 108 8.84 2.57 -5.02
CA ASN A 108 9.57 3.66 -5.66
C ASN A 108 8.63 4.80 -5.98
N CYS A 109 8.86 5.95 -5.33
CA CYS A 109 8.00 7.12 -5.55
C CYS A 109 8.10 7.70 -6.96
N ALA A 110 9.19 7.44 -7.68
CA ALA A 110 9.43 8.03 -8.99
C ALA A 110 9.04 7.11 -10.12
N GLU A 111 8.39 5.99 -9.82
CA GLU A 111 7.82 5.12 -10.84
C GLU A 111 6.37 4.87 -10.49
N TYR A 112 5.65 4.21 -11.40
CA TYR A 112 4.27 3.85 -11.14
C TYR A 112 3.88 2.69 -12.06
N ILE A 113 2.69 2.17 -11.84
CA ILE A 113 2.24 0.95 -12.51
C ILE A 113 0.96 1.26 -13.26
N GLY A 114 0.91 0.85 -14.53
CA GLY A 114 -0.32 0.86 -15.30
C GLY A 114 -0.84 -0.56 -15.46
N CYS A 115 -2.12 -0.75 -15.15
CA CYS A 115 -2.77 -2.04 -15.32
C CYS A 115 -3.84 -1.92 -16.39
N ALA A 116 -3.80 -2.84 -17.35
CA ALA A 116 -4.77 -2.89 -18.44
C ALA A 116 -5.20 -4.34 -18.58
N ASN A 117 -6.37 -4.66 -18.01
CA ASN A 117 -6.95 -6.00 -18.08
C ASN A 117 -5.95 -7.09 -17.71
N GLY A 118 -5.26 -6.89 -16.59
CA GLY A 118 -4.29 -7.86 -16.13
C GLY A 118 -2.88 -7.68 -16.66
N LEU A 119 -2.67 -6.80 -17.63
CA LEU A 119 -1.33 -6.56 -18.16
C LEU A 119 -0.69 -5.38 -17.44
N THR A 120 0.58 -5.57 -17.07
CA THR A 120 1.34 -4.60 -16.28
C THR A 120 2.25 -3.80 -17.19
N THR A 121 2.27 -2.48 -17.00
CA THR A 121 3.32 -1.62 -17.52
C THR A 121 3.98 -0.93 -16.33
N VAL A 122 5.31 -0.98 -16.25
CA VAL A 122 6.05 -0.19 -15.27
C VAL A 122 6.44 1.13 -15.92
N ASN A 123 5.95 2.23 -15.38
CA ASN A 123 6.16 3.57 -15.89
C ASN A 123 7.11 4.35 -15.00
N ALA A 124 7.67 5.43 -15.54
CA ALA A 124 8.57 6.28 -14.77
C ALA A 124 8.14 7.73 -14.88
N CYS A 125 8.32 8.47 -13.80
CA CYS A 125 8.16 9.91 -13.83
C CYS A 125 9.33 10.56 -14.57
N GLY A 126 9.07 11.71 -15.16
CA GLY A 126 10.14 12.56 -15.67
C GLY A 126 11.06 13.02 -14.55
N ALA A 127 12.23 13.52 -14.95
CA ALA A 127 13.22 13.98 -13.99
C ALA A 127 12.63 15.05 -13.08
N GLY A 128 12.88 14.92 -11.78
CA GLY A 128 12.32 15.87 -10.87
C GLY A 128 10.85 15.74 -10.59
N GLN A 129 10.20 14.69 -11.09
CA GLN A 129 8.79 14.46 -10.83
C GLN A 129 8.59 13.19 -10.01
N TYR A 130 7.47 13.17 -9.30
CA TYR A 130 7.16 12.15 -8.31
C TYR A 130 5.71 11.78 -8.50
N TYR A 131 5.42 10.49 -8.42
CA TYR A 131 4.08 10.02 -8.71
C TYR A 131 3.16 10.39 -7.55
N ASP A 132 1.99 10.93 -7.89
CA ASP A 132 0.97 11.29 -6.92
C ASP A 132 -0.24 10.40 -7.17
N GLN A 133 -0.55 9.55 -6.20
CA GLN A 133 -1.63 8.58 -6.39
C GLN A 133 -2.99 9.27 -6.57
N ALA A 134 -3.22 10.41 -5.93
CA ALA A 134 -4.49 11.10 -6.12
C ALA A 134 -4.63 11.63 -7.54
N LEU A 135 -3.52 11.92 -8.20
CA LEU A 135 -3.55 12.43 -9.57
C LEU A 135 -3.47 11.33 -10.61
N GLY A 136 -2.92 10.16 -10.26
CA GLY A 136 -2.69 9.15 -11.26
C GLY A 136 -1.57 9.49 -12.24
N ARG A 137 -0.67 10.39 -11.89
CA ARG A 137 0.46 10.78 -12.73
C ARG A 137 1.49 11.46 -11.85
N CYS A 138 2.57 11.92 -12.47
CA CYS A 138 3.66 12.52 -11.72
C CYS A 138 3.55 14.05 -11.73
N ALA A 139 4.20 14.67 -10.75
CA ALA A 139 4.25 16.12 -10.64
C ALA A 139 5.54 16.54 -9.97
N LEU A 140 5.91 17.80 -10.17
CA LEU A 140 7.12 18.34 -9.57
C LEU A 140 7.02 18.32 -8.05
N ALA A 141 8.18 18.34 -7.40
CA ALA A 141 8.24 18.33 -5.94
C ALA A 141 7.43 19.47 -5.37
N GLY A 142 6.74 19.21 -4.26
CA GLY A 142 5.95 20.22 -3.59
C GLY A 142 6.38 20.42 -2.15
N THR A 143 5.41 20.45 -1.23
CA THR A 143 5.63 20.61 0.22
C THR A 143 4.82 19.50 0.87
N GLY A 144 5.40 18.31 0.89
CA GLY A 144 4.70 17.14 1.37
C GLY A 144 4.27 16.28 0.21
N TYR A 145 5.09 15.30 -0.15
CA TYR A 145 4.82 14.47 -1.32
C TYR A 145 5.33 13.05 -1.06
N CYS A 146 5.29 12.22 -2.10
CA CYS A 146 5.45 10.78 -1.92
C CYS A 146 4.54 10.29 -0.79
N ARG A 147 3.32 10.83 -0.78
CA ARG A 147 2.38 10.53 0.30
C ARG A 147 1.78 9.14 0.19
N GLN A 148 1.98 8.45 -0.92
CA GLN A 148 1.44 7.11 -1.04
C GLN A 148 2.11 6.15 -0.09
N TYR A 149 3.24 6.52 0.51
CA TYR A 149 3.92 5.73 1.51
C TYR A 149 3.56 6.12 2.93
N VAL A 150 2.67 7.10 3.11
CA VAL A 150 2.31 7.64 4.41
C VAL A 150 0.91 7.14 4.75
N PHE A 151 0.82 6.14 5.62
CA PHE A 151 -0.47 5.57 6.01
C PHE A 151 -0.23 4.73 7.25
N THR A 152 -1.33 4.41 7.94
CA THR A 152 -1.26 3.50 9.08
C THR A 152 -1.74 2.14 8.63
N PRO A 153 -0.91 1.10 8.64
CA PRO A 153 -1.38 -0.22 8.22
C PRO A 153 -2.45 -0.72 9.17
N PRO A 154 -3.39 -1.51 8.67
CA PRO A 154 -4.25 -2.28 9.58
C PRO A 154 -3.38 -3.23 10.39
N PRO A 155 -3.90 -3.74 11.51
CA PRO A 155 -3.18 -4.79 12.23
C PRO A 155 -2.85 -5.95 11.31
N ALA A 156 -1.71 -6.58 11.58
CA ALA A 156 -1.28 -7.77 10.83
C ALA A 156 -1.03 -8.88 11.82
N PRO A 157 -1.95 -9.84 11.95
CA PRO A 157 -3.19 -9.99 11.20
C PRO A 157 -4.33 -9.16 11.79
N VAL A 158 -5.38 -9.01 10.99
CA VAL A 158 -6.64 -8.47 11.49
C VAL A 158 -7.35 -9.57 12.24
N VAL A 159 -7.78 -9.29 13.46
CA VAL A 159 -8.52 -10.23 14.28
C VAL A 159 -9.96 -9.75 14.33
N TYR A 160 -10.86 -10.55 13.79
CA TYR A 160 -12.28 -10.25 13.86
C TYR A 160 -12.85 -10.85 15.14
N PRO A 161 -13.74 -10.14 15.81
CA PRO A 161 -14.32 -10.68 17.04
C PRO A 161 -15.23 -11.85 16.71
N ASP A 162 -15.26 -12.83 17.61
CA ASP A 162 -16.31 -13.84 17.52
C ASP A 162 -17.66 -13.14 17.48
N GLY A 163 -18.50 -13.54 16.54
CA GLY A 163 -19.76 -12.89 16.33
C GLY A 163 -19.76 -11.92 15.17
N PHE A 164 -18.61 -11.71 14.53
CA PHE A 164 -18.60 -10.77 13.40
C PHE A 164 -19.51 -11.26 12.28
N ASP A 165 -19.85 -12.55 12.25
CA ASP A 165 -20.81 -13.05 11.27
C ASP A 165 -22.18 -12.40 11.41
N THR A 166 -22.45 -11.67 12.48
CA THR A 166 -23.69 -10.94 12.65
C THR A 166 -23.68 -9.53 12.08
N TYR A 167 -22.55 -9.05 11.54
CA TYR A 167 -22.38 -7.63 11.25
C TYR A 167 -23.46 -7.09 10.32
N CYS A 168 -23.59 -7.69 9.13
CA CYS A 168 -24.59 -7.20 8.17
C CYS A 168 -26.00 -7.26 8.75
N SER A 169 -26.31 -8.36 9.42
CA SER A 169 -27.66 -8.58 9.96
C SER A 169 -27.99 -7.59 11.06
N ALA A 170 -27.08 -7.42 12.03
CA ALA A 170 -27.34 -6.55 13.17
C ALA A 170 -27.39 -5.09 12.76
N ASN A 171 -26.68 -4.72 11.70
CA ASN A 171 -26.68 -3.34 11.23
C ASN A 171 -27.72 -3.10 10.14
N ASN A 172 -28.51 -4.11 9.77
CA ASN A 172 -29.53 -3.94 8.74
C ASN A 172 -28.94 -3.39 7.43
N LEU A 173 -27.78 -3.90 7.04
CA LEU A 173 -27.09 -3.37 5.88
C LEU A 173 -27.73 -3.87 4.58
N ALA A 174 -27.79 -3.01 3.58
CA ALA A 174 -28.37 -3.41 2.32
C ALA A 174 -27.46 -4.39 1.58
N THR A 175 -28.08 -5.15 0.68
CA THR A 175 -27.31 -6.06 -0.15
C THR A 175 -26.21 -5.29 -0.86
N GLY A 176 -25.01 -5.85 -0.86
CA GLY A 176 -23.91 -5.25 -1.56
C GLY A 176 -22.70 -4.98 -0.69
N ILE A 177 -21.93 -3.96 -1.08
CA ILE A 177 -20.59 -3.70 -0.57
C ILE A 177 -20.63 -2.58 0.47
N HIS A 178 -19.90 -2.78 1.56
CA HIS A 178 -19.82 -1.83 2.66
C HIS A 178 -18.39 -1.80 3.17
N PRO A 179 -17.99 -0.73 3.87
CA PRO A 179 -16.67 -0.76 4.50
C PRO A 179 -16.54 -1.88 5.52
N ASP A 180 -15.30 -2.33 5.71
CA ASP A 180 -14.96 -3.25 6.78
C ASP A 180 -14.42 -2.42 7.92
N PRO A 181 -15.13 -2.34 9.06
CA PRO A 181 -14.71 -1.45 10.14
C PRO A 181 -13.49 -1.95 10.90
N TYR A 182 -12.98 -3.15 10.59
CA TYR A 182 -11.76 -3.65 11.19
C TYR A 182 -10.53 -3.45 10.32
N SER A 183 -10.68 -3.02 9.05
CA SER A 183 -9.49 -2.92 8.21
C SER A 183 -9.74 -2.08 6.97
N CYS A 184 -8.89 -1.08 6.78
CA CYS A 184 -8.92 -0.28 5.55
C CYS A 184 -8.39 -1.03 4.34
N PHE A 185 -7.87 -2.25 4.52
CA PHE A 185 -7.46 -3.07 3.39
C PHE A 185 -8.53 -4.06 2.98
N SER A 186 -9.76 -3.91 3.47
CA SER A 186 -10.79 -4.92 3.32
C SER A 186 -12.13 -4.25 3.11
N TYR A 187 -13.10 -5.04 2.67
CA TYR A 187 -14.47 -4.59 2.57
C TYR A 187 -15.39 -5.73 2.98
N VAL A 188 -16.64 -5.39 3.23
CA VAL A 188 -17.67 -6.35 3.61
C VAL A 188 -18.67 -6.48 2.47
N GLU A 189 -19.13 -7.71 2.23
CA GLU A 189 -20.26 -7.93 1.34
C GLU A 189 -21.40 -8.54 2.15
N CYS A 190 -22.59 -8.00 1.97
CA CYS A 190 -23.80 -8.44 2.65
C CYS A 190 -24.72 -9.06 1.61
N THR A 191 -25.05 -10.34 1.79
CA THR A 191 -26.01 -11.01 0.90
C THR A 191 -26.91 -11.88 1.75
N PHE A 192 -28.22 -11.71 1.59
CA PHE A 192 -29.20 -12.56 2.28
C PHE A 192 -28.97 -12.58 3.79
N GLY A 193 -28.54 -11.44 4.34
CA GLY A 193 -28.26 -11.31 5.76
C GLY A 193 -26.94 -11.89 6.23
N ARG A 194 -26.12 -12.41 5.33
CA ARG A 194 -24.84 -12.99 5.66
C ARG A 194 -23.73 -11.99 5.41
N THR A 195 -22.70 -12.06 6.26
CA THR A 195 -21.54 -11.19 6.22
C THR A 195 -20.33 -11.97 5.70
N THR A 196 -19.67 -11.43 4.68
CA THR A 196 -18.34 -11.85 4.27
C THR A 196 -17.43 -10.63 4.30
N HIS A 197 -16.20 -10.82 4.74
CA HIS A 197 -15.18 -9.79 4.58
C HIS A 197 -14.15 -10.30 3.59
N MET A 198 -13.65 -9.40 2.75
CA MET A 198 -12.79 -9.78 1.64
C MET A 198 -11.67 -8.76 1.56
N PRO A 199 -10.42 -9.20 1.54
CA PRO A 199 -9.32 -8.24 1.38
C PRO A 199 -9.35 -7.62 -0.01
N CYS A 200 -9.01 -6.34 -0.07
CA CYS A 200 -8.66 -5.75 -1.35
C CYS A 200 -7.43 -6.45 -1.91
N PRO A 201 -7.21 -6.37 -3.23
CA PRO A 201 -5.93 -6.84 -3.78
C PRO A 201 -4.77 -6.21 -3.02
N ALA A 202 -3.69 -7.00 -2.84
CA ALA A 202 -2.57 -6.55 -2.01
C ALA A 202 -1.98 -5.24 -2.49
N GLY A 203 -1.90 -4.26 -1.58
CA GLY A 203 -1.50 -2.90 -1.90
C GLY A 203 -2.64 -1.95 -2.14
N LEU A 204 -3.83 -2.48 -2.40
CA LEU A 204 -5.00 -1.62 -2.56
C LEU A 204 -5.73 -1.52 -1.23
N SER A 205 -6.60 -0.52 -1.15
CA SER A 205 -7.30 -0.23 0.09
C SER A 205 -8.68 0.32 -0.27
N PHE A 206 -9.57 0.33 0.70
CA PHE A 206 -10.98 0.49 0.39
C PHE A 206 -11.42 1.96 0.49
N ASP A 207 -11.85 2.53 -0.64
CA ASP A 207 -12.39 3.88 -0.68
C ASP A 207 -13.83 3.83 -0.20
N ARG A 208 -14.10 4.41 0.97
CA ARG A 208 -15.42 4.30 1.58
C ARG A 208 -16.44 5.24 0.94
N SER A 209 -16.00 6.18 0.10
CA SER A 209 -16.93 7.08 -0.57
C SER A 209 -17.50 6.44 -1.84
N LEU A 210 -16.65 5.78 -2.62
CA LEU A 210 -17.08 5.13 -3.85
C LEU A 210 -17.29 3.63 -3.69
N LEU A 211 -16.88 3.05 -2.55
CA LEU A 211 -17.06 1.63 -2.27
C LEU A 211 -16.30 0.74 -3.24
N VAL A 212 -15.03 1.08 -3.48
CA VAL A 212 -14.16 0.29 -4.35
C VAL A 212 -12.76 0.28 -3.76
N CYS A 213 -12.01 -0.78 -4.05
CA CYS A 213 -10.58 -0.80 -3.73
C CYS A 213 -9.83 0.05 -4.71
N ASP A 214 -8.91 0.88 -4.21
CA ASP A 214 -8.11 1.74 -5.06
C ASP A 214 -6.69 1.81 -4.50
N GLY A 215 -5.85 2.60 -5.15
CA GLY A 215 -4.45 2.68 -4.75
C GLY A 215 -4.13 3.70 -3.69
N ASN A 216 -5.11 4.30 -3.01
CA ASN A 216 -4.86 5.47 -2.18
C ASN A 216 -4.88 5.12 -0.68
N ARG A 217 -3.79 4.49 -0.24
CA ARG A 217 -3.64 4.17 1.18
C ARG A 217 -3.60 5.42 2.06
N TYR A 218 -3.00 6.52 1.57
CA TYR A 218 -3.00 7.74 2.36
C TYR A 218 -4.41 8.16 2.73
N GLN A 219 -5.32 8.14 1.75
CA GLN A 219 -6.67 8.63 1.99
C GLN A 219 -7.51 7.62 2.77
N ASN A 220 -7.29 6.33 2.52
CA ASN A 220 -8.15 5.30 3.08
C ASN A 220 -7.67 4.79 4.42
N CYS A 221 -6.39 4.97 4.74
CA CYS A 221 -5.75 4.36 5.89
C CYS A 221 -5.10 5.41 6.79
N GLY A 222 -5.71 6.60 6.86
CA GLY A 222 -5.35 7.53 7.93
C GLY A 222 -4.04 8.26 7.74
N GLY A 223 -3.59 8.45 6.50
CA GLY A 223 -2.35 9.18 6.29
C GLY A 223 -2.39 10.65 6.67
N ASN A 224 -3.54 11.31 6.47
CA ASN A 224 -3.62 12.75 6.73
C ASN A 224 -3.21 13.10 8.16
N VAL A 225 -3.62 12.29 9.14
CA VAL A 225 -3.32 12.64 10.53
C VAL A 225 -1.86 12.43 10.88
N LEU A 226 -1.13 11.64 10.10
CA LEU A 226 0.30 11.48 10.37
C LEU A 226 1.11 12.72 9.99
N VAL A 227 0.59 13.56 9.09
CA VAL A 227 1.34 14.75 8.67
C VAL A 227 0.69 16.06 9.09
#